data_5XNQ
#
_entry.id   5XNQ
#
_cell.length_a   152.601
_cell.length_b   152.601
_cell.length_c   93.822
_cell.angle_alpha   90.00
_cell.angle_beta   90.00
_cell.angle_gamma   120.00
#
_symmetry.space_group_name_H-M   'P 63 2 2'
#
loop_
_entity.id
_entity.type
_entity.pdbx_description
1 polymer 'Leucine-rich repeat and fibronectin type-III domain-containing protein 5'
2 non-polymer 2-acetamido-2-deoxy-beta-D-glucopyranose
3 non-polymer 'SODIUM ION'
4 non-polymer 'CALCIUM ION'
5 non-polymer 'CHLORIDE ION'
6 non-polymer 'SULFATE ION'
7 water water
#
_entity_poly.entity_id   1
_entity_poly.type   'polypeptide(L)'
_entity_poly.pdbx_seq_one_letter_code
;PGDPQICPKRCVCQILSPNLATLCAKKGLLFVPPNIDRRTVELRLADNFVTNIKRKDFANMTSLVDLTLSRNTISFITPH
AFADLRNLRALHLNSNRLTKITNDMFSGLSNLHHLILNNNQLTLISSTAFDDVFALEELDLSYNNLETIPWDAVEKMVSL
HTLSLDHNMIDNIPKGTFSHLHKMTRLDVTSNKLQKLPPDPLFQRAQVLATSGIISPSTFALSFGGNPLHCNCELLWLRR
LSREDDLETCASPPLLTGRYFWSIPEEEFLCEPPLITRHTHEMRVLEGQRATLRCKARGDPEPAIHWISPEGKLISNATR
SLVYDNGTLDILITTVKDTGAFTCIASNPAGEATQIVDLHIIAAAHHHHHH
;
_entity_poly.pdbx_strand_id   A
#
# COMPACT_ATOMS: atom_id res chain seq x y z
N PRO A 1 26.79 24.81 -4.72
CA PRO A 1 27.57 25.98 -4.30
C PRO A 1 27.19 26.48 -2.90
N GLY A 2 27.88 27.50 -2.43
CA GLY A 2 27.65 28.07 -1.12
C GLY A 2 26.64 29.20 -1.11
N ASP A 3 25.76 29.21 -2.11
CA ASP A 3 24.81 30.30 -2.28
C ASP A 3 23.97 30.51 -1.03
N PRO A 4 23.45 31.72 -0.82
CA PRO A 4 22.54 31.96 0.30
C PRO A 4 21.27 31.13 0.16
N GLN A 5 20.63 30.88 1.30
CA GLN A 5 19.45 30.02 1.31
C GLN A 5 18.27 30.68 0.61
N ILE A 6 17.59 29.90 -0.23
CA ILE A 6 16.40 30.34 -0.95
C ILE A 6 15.17 29.83 -0.21
N CYS A 7 14.19 30.71 -0.02
CA CYS A 7 12.91 30.32 0.55
C CYS A 7 11.80 30.99 -0.23
N PRO A 8 10.70 30.27 -0.50
CA PRO A 8 9.56 30.90 -1.18
C PRO A 8 8.87 31.89 -0.28
N LYS A 9 8.23 32.88 -0.91
CA LYS A 9 7.62 33.98 -0.16
C LYS A 9 6.54 33.44 0.77
N ARG A 10 5.79 32.44 0.31
CA ARG A 10 4.65 31.89 1.04
C ARG A 10 5.04 30.80 2.04
N CYS A 11 6.29 30.39 2.09
CA CYS A 11 6.66 29.25 2.93
C CYS A 11 7.46 29.72 4.13
N VAL A 12 7.79 28.75 4.98
CA VAL A 12 8.68 28.97 6.12
C VAL A 12 9.81 27.96 6.03
N CYS A 13 11.05 28.44 6.12
CA CYS A 13 12.22 27.58 5.98
C CYS A 13 12.96 27.51 7.31
N GLN A 14 13.16 26.28 7.80
CA GLN A 14 13.85 26.04 9.05
C GLN A 14 15.23 25.44 8.77
N ILE A 15 16.22 25.88 9.54
CA ILE A 15 17.55 25.29 9.51
C ILE A 15 17.86 24.78 10.91
N LEU A 16 17.90 23.46 11.06
CA LEU A 16 18.49 22.83 12.24
C LEU A 16 19.71 22.06 11.75
N SER A 17 20.89 22.61 12.01
CA SER A 17 22.09 22.21 11.30
C SER A 17 22.39 20.71 11.43
N PRO A 18 22.82 20.08 10.32
CA PRO A 18 22.95 20.61 8.96
C PRO A 18 21.62 20.78 8.20
N ASN A 19 20.57 20.10 8.66
CA ASN A 19 19.34 19.94 7.90
C ASN A 19 18.61 21.25 7.66
N LEU A 20 17.98 21.33 6.48
CA LEU A 20 17.12 22.43 6.05
C LEU A 20 15.78 21.86 5.63
N ALA A 21 14.70 22.54 6.01
CA ALA A 21 13.34 22.12 5.72
C ALA A 21 12.54 23.29 5.15
N THR A 22 11.72 23.00 4.14
CA THR A 22 10.83 24.00 3.54
C THR A 22 9.39 23.58 3.81
N LEU A 23 8.69 24.34 4.65
CA LEU A 23 7.31 24.05 5.02
C LEU A 23 6.41 25.03 4.27
N CYS A 24 5.75 24.52 3.24
CA CYS A 24 4.77 25.25 2.44
C CYS A 24 3.32 24.85 2.73
N ALA A 25 3.08 23.99 3.71
CA ALA A 25 1.77 23.36 3.84
C ALA A 25 0.66 24.37 4.13
N LYS A 26 -0.49 24.14 3.48
CA LYS A 26 -1.72 24.88 3.75
C LYS A 26 -1.57 26.38 3.45
N LYS A 27 -0.79 26.69 2.41
CA LYS A 27 -0.62 28.06 1.96
C LYS A 27 -1.51 28.43 0.77
N GLY A 28 -2.30 27.50 0.26
CA GLY A 28 -3.17 27.78 -0.87
C GLY A 28 -2.48 27.78 -2.22
N LEU A 29 -1.32 27.15 -2.33
CA LEU A 29 -0.56 27.17 -3.57
C LEU A 29 -1.29 26.41 -4.68
N LEU A 30 -1.29 27.00 -5.88
CA LEU A 30 -1.82 26.34 -7.06
C LEU A 30 -0.76 25.57 -7.85
N PHE A 31 0.51 25.74 -7.50
CA PHE A 31 1.61 25.03 -8.14
C PHE A 31 2.79 25.04 -7.19
N VAL A 32 3.76 24.17 -7.47
CA VAL A 32 4.97 24.15 -6.66
C VAL A 32 5.68 25.50 -6.80
N PRO A 33 5.99 26.18 -5.71
CA PRO A 33 6.71 27.46 -5.80
C PRO A 33 8.00 27.31 -6.57
N PRO A 34 8.30 28.22 -7.48
CA PRO A 34 9.44 28.02 -8.39
C PRO A 34 10.79 28.04 -7.69
N ASN A 35 10.97 28.88 -6.68
CA ASN A 35 12.26 29.00 -6.00
C ASN A 35 12.16 28.24 -4.70
N ILE A 36 12.80 27.07 -4.67
CA ILE A 36 12.92 26.24 -3.47
C ILE A 36 14.36 25.75 -3.43
N ASP A 37 15.07 26.07 -2.35
CA ASP A 37 16.48 25.75 -2.27
C ASP A 37 16.71 24.26 -2.52
N ARG A 38 17.56 23.95 -3.48
CA ARG A 38 17.78 22.58 -3.89
C ARG A 38 18.39 21.72 -2.81
N ARG A 39 18.84 22.32 -1.71
CA ARG A 39 19.47 21.58 -0.62
C ARG A 39 18.49 21.19 0.48
N THR A 40 17.20 21.43 0.30
CA THR A 40 16.22 21.14 1.34
C THR A 40 16.16 19.64 1.61
N VAL A 41 16.21 19.29 2.90
CA VAL A 41 16.13 17.89 3.30
C VAL A 41 14.67 17.42 3.37
N GLU A 42 13.78 18.28 3.86
CA GLU A 42 12.37 17.94 4.05
C GLU A 42 11.52 19.01 3.39
N LEU A 43 10.56 18.58 2.55
CA LEU A 43 9.71 19.49 1.80
C LEU A 43 8.25 19.13 2.05
N ARG A 44 7.51 20.05 2.67
CA ARG A 44 6.12 19.81 3.05
C ARG A 44 5.23 20.70 2.20
N LEU A 45 4.57 20.09 1.21
CA LEU A 45 3.61 20.77 0.34
C LEU A 45 2.16 20.45 0.67
N ALA A 46 1.89 19.69 1.73
CA ALA A 46 0.57 19.12 1.95
C ALA A 46 -0.49 20.21 2.12
N ASP A 47 -1.73 19.82 1.82
CA ASP A 47 -2.91 20.68 1.97
C ASP A 47 -2.81 21.93 1.10
N ASN A 48 -2.41 21.73 -0.15
CA ASN A 48 -2.44 22.77 -1.16
C ASN A 48 -3.25 22.29 -2.35
N PHE A 49 -3.42 23.19 -3.33
CA PHE A 49 -4.23 22.93 -4.52
C PHE A 49 -3.41 22.61 -5.76
N VAL A 50 -2.10 22.34 -5.63
CA VAL A 50 -1.25 22.06 -6.78
C VAL A 50 -1.86 20.98 -7.65
N THR A 51 -2.03 21.29 -8.95
CA THR A 51 -2.58 20.32 -9.90
C THR A 51 -1.54 19.60 -10.76
N ASN A 52 -0.31 20.08 -10.82
CA ASN A 52 0.63 19.53 -11.80
C ASN A 52 2.05 19.54 -11.23
N ILE A 53 2.80 18.49 -11.53
CA ILE A 53 4.20 18.37 -11.12
C ILE A 53 5.06 18.54 -12.36
N LYS A 54 5.73 19.67 -12.46
CA LYS A 54 6.63 19.95 -13.57
C LYS A 54 7.99 19.30 -13.34
N ARG A 55 8.70 19.04 -14.44
CA ARG A 55 10.03 18.44 -14.35
C ARG A 55 10.96 19.28 -13.48
N LYS A 56 10.84 20.61 -13.57
CA LYS A 56 11.74 21.51 -12.86
C LYS A 56 11.44 21.62 -11.38
N ASP A 57 10.28 21.12 -10.92
CA ASP A 57 9.87 21.37 -9.55
C ASP A 57 10.84 20.77 -8.54
N PHE A 58 11.02 19.45 -8.58
CA PHE A 58 11.88 18.74 -7.65
C PHE A 58 13.25 18.41 -8.24
N ALA A 59 13.54 18.89 -9.44
CA ALA A 59 14.82 18.61 -10.08
C ALA A 59 15.98 19.03 -9.17
N ASN A 60 17.02 18.19 -9.17
CA ASN A 60 18.28 18.45 -8.48
C ASN A 60 18.15 18.50 -6.96
N MET A 61 17.16 17.83 -6.37
CA MET A 61 17.09 17.81 -4.91
C MET A 61 17.73 16.50 -4.49
N THR A 62 19.00 16.59 -4.08
CA THR A 62 19.78 15.42 -3.75
C THR A 62 19.56 14.98 -2.32
N SER A 63 19.55 15.93 -1.39
CA SER A 63 19.41 15.65 0.02
C SER A 63 17.96 15.56 0.47
N LEU A 64 17.01 15.69 -0.45
CA LEU A 64 15.60 15.60 -0.09
C LEU A 64 15.28 14.21 0.41
N VAL A 65 14.69 14.13 1.60
CA VAL A 65 14.37 12.88 2.27
C VAL A 65 12.87 12.66 2.36
N ASP A 66 12.16 13.56 3.03
CA ASP A 66 10.71 13.49 3.13
C ASP A 66 10.07 14.50 2.18
N LEU A 67 9.09 14.04 1.41
CA LEU A 67 8.30 14.89 0.53
C LEU A 67 6.83 14.52 0.68
N THR A 68 6.02 15.48 1.13
CA THR A 68 4.60 15.24 1.38
C THR A 68 3.79 16.15 0.46
N LEU A 69 3.12 15.54 -0.52
CA LEU A 69 2.19 16.20 -1.41
C LEU A 69 0.73 16.01 -0.99
N SER A 70 0.50 15.42 0.18
CA SER A 70 -0.81 14.94 0.59
C SER A 70 -1.88 16.04 0.51
N ARG A 71 -3.11 15.60 0.20
CA ARG A 71 -4.28 16.48 0.16
C ARG A 71 -4.06 17.65 -0.78
N ASN A 72 -3.67 17.32 -2.01
CA ASN A 72 -3.61 18.21 -3.14
C ASN A 72 -4.53 17.63 -4.21
N THR A 73 -4.85 18.43 -5.22
CA THR A 73 -5.58 17.91 -6.37
C THR A 73 -4.56 17.77 -7.49
N ILE A 74 -4.08 16.56 -7.73
CA ILE A 74 -2.97 16.31 -8.65
C ILE A 74 -3.42 15.24 -9.64
N SER A 75 -3.62 15.64 -10.89
CA SER A 75 -3.97 14.70 -11.96
C SER A 75 -2.81 14.30 -12.85
N PHE A 76 -1.62 14.91 -12.70
CA PHE A 76 -0.56 14.66 -13.66
C PHE A 76 0.81 14.82 -12.99
N ILE A 77 1.75 13.96 -13.39
CA ILE A 77 3.14 14.04 -12.98
C ILE A 77 4.01 13.90 -14.23
N THR A 78 4.78 14.94 -14.53
CA THR A 78 5.68 14.89 -15.67
C THR A 78 6.68 13.74 -15.47
N PRO A 79 6.96 12.96 -16.52
CA PRO A 79 7.96 11.89 -16.39
C PRO A 79 9.32 12.44 -15.99
N HIS A 80 10.10 11.58 -15.31
CA HIS A 80 11.40 11.91 -14.75
C HIS A 80 11.34 13.01 -13.70
N ALA A 81 10.18 13.23 -13.09
CA ALA A 81 10.05 14.30 -12.11
C ALA A 81 10.79 13.97 -10.81
N PHE A 82 10.70 12.71 -10.39
CA PHE A 82 11.42 12.24 -9.20
C PHE A 82 12.77 11.63 -9.55
N ALA A 83 13.18 11.71 -10.82
CA ALA A 83 14.38 11.01 -11.27
C ALA A 83 15.64 11.50 -10.57
N ASP A 84 15.63 12.69 -10.01
CA ASP A 84 16.82 13.29 -9.42
C ASP A 84 16.96 13.07 -7.91
N LEU A 85 16.01 12.38 -7.28
CA LEU A 85 16.06 12.22 -5.82
C LEU A 85 16.58 10.82 -5.50
N ARG A 86 17.85 10.74 -5.11
CA ARG A 86 18.43 9.48 -4.67
C ARG A 86 18.20 9.19 -3.20
N ASN A 87 18.13 10.22 -2.36
CA ASN A 87 18.12 10.07 -0.91
C ASN A 87 16.72 10.03 -0.31
N LEU A 88 15.67 10.02 -1.13
CA LEU A 88 14.32 10.16 -0.61
C LEU A 88 13.88 8.87 0.07
N ARG A 89 13.64 8.93 1.38
CA ARG A 89 13.14 7.78 2.14
C ARG A 89 11.62 7.72 2.24
N ALA A 90 10.92 8.83 2.03
CA ALA A 90 9.48 8.86 2.25
C ALA A 90 8.83 9.81 1.25
N LEU A 91 7.73 9.35 0.65
CA LEU A 91 6.97 10.15 -0.31
C LEU A 91 5.49 9.94 -0.06
N HIS A 92 4.76 11.03 0.15
CA HIS A 92 3.33 10.98 0.43
C HIS A 92 2.57 11.62 -0.73
N LEU A 93 1.93 10.79 -1.55
CA LEU A 93 1.05 11.23 -2.63
C LEU A 93 -0.42 11.11 -2.29
N ASN A 94 -0.76 10.76 -1.05
CA ASN A 94 -2.13 10.39 -0.71
C ASN A 94 -3.11 11.54 -0.88
N SER A 95 -4.38 11.18 -1.08
CA SER A 95 -5.48 12.13 -1.22
C SER A 95 -5.24 13.07 -2.40
N ASN A 96 -5.00 12.47 -3.56
CA ASN A 96 -4.84 13.21 -4.81
C ASN A 96 -5.73 12.60 -5.90
N ARG A 97 -5.63 13.16 -7.10
CA ARG A 97 -6.43 12.76 -8.25
C ARG A 97 -5.73 11.79 -9.21
N LEU A 98 -4.56 11.27 -8.84
CA LEU A 98 -3.81 10.37 -9.72
C LEU A 98 -4.68 9.19 -10.17
N THR A 99 -4.79 9.02 -11.48
CA THR A 99 -5.51 7.87 -12.03
C THR A 99 -4.61 6.74 -12.51
N LYS A 100 -3.29 6.93 -12.52
CA LYS A 100 -2.42 5.93 -13.12
C LYS A 100 -1.02 6.06 -12.51
N ILE A 101 -0.28 4.95 -12.51
CA ILE A 101 1.12 4.93 -12.12
C ILE A 101 1.92 4.34 -13.27
N THR A 102 2.83 5.13 -13.82
CA THR A 102 3.60 4.71 -14.98
C THR A 102 4.86 3.95 -14.56
N ASN A 103 5.61 3.46 -15.55
CA ASN A 103 6.86 2.77 -15.27
C ASN A 103 7.95 3.74 -14.84
N ASP A 104 7.96 4.95 -15.41
CA ASP A 104 9.02 5.91 -15.21
C ASP A 104 8.81 6.79 -13.99
N MET A 105 7.68 6.65 -13.29
CA MET A 105 7.35 7.58 -12.22
C MET A 105 8.31 7.45 -11.04
N PHE A 106 8.40 6.25 -10.48
CA PHE A 106 9.23 5.98 -9.31
C PHE A 106 10.59 5.39 -9.67
N SER A 107 10.91 5.32 -10.97
CA SER A 107 12.03 4.52 -11.46
C SER A 107 13.36 4.83 -10.79
N GLY A 108 13.51 6.01 -10.18
CA GLY A 108 14.82 6.39 -9.69
C GLY A 108 15.12 6.10 -8.24
N LEU A 109 14.09 5.83 -7.43
CA LEU A 109 14.23 5.87 -5.98
C LEU A 109 14.57 4.48 -5.45
N SER A 110 15.82 4.30 -5.05
CA SER A 110 16.29 3.08 -4.38
C SER A 110 16.07 3.13 -2.87
N ASN A 111 16.26 4.30 -2.26
CA ASN A 111 16.29 4.45 -0.80
C ASN A 111 14.91 4.63 -0.17
N LEU A 112 13.84 4.53 -0.96
CA LEU A 112 12.52 4.89 -0.48
C LEU A 112 11.96 3.78 0.40
N HIS A 113 11.73 4.09 1.68
CA HIS A 113 11.12 3.15 2.62
C HIS A 113 9.62 3.34 2.80
N HIS A 114 9.05 4.45 2.32
CA HIS A 114 7.64 4.74 2.55
C HIS A 114 7.03 5.34 1.29
N LEU A 115 5.99 4.70 0.77
CA LEU A 115 5.23 5.22 -0.37
C LEU A 115 3.75 5.18 -0.01
N ILE A 116 3.12 6.35 0.11
CA ILE A 116 1.73 6.46 0.55
C ILE A 116 0.90 6.98 -0.61
N LEU A 117 0.13 6.09 -1.23
CA LEU A 117 -0.72 6.42 -2.36
C LEU A 117 -2.21 6.49 -2.05
N ASN A 118 -2.60 6.38 -0.78
CA ASN A 118 -4.01 6.13 -0.47
C ASN A 118 -4.92 7.28 -0.92
N ASN A 119 -6.20 6.94 -1.12
CA ASN A 119 -7.25 7.90 -1.47
C ASN A 119 -6.95 8.60 -2.79
N ASN A 120 -6.64 7.82 -3.81
CA ASN A 120 -6.58 8.28 -5.18
C ASN A 120 -7.58 7.50 -6.02
N GLN A 121 -7.66 7.85 -7.30
CA GLN A 121 -8.54 7.20 -8.26
C GLN A 121 -7.83 6.17 -9.13
N LEU A 122 -6.60 5.78 -8.80
CA LEU A 122 -5.78 4.93 -9.66
C LEU A 122 -6.51 3.65 -10.05
N THR A 123 -6.65 3.44 -11.36
CA THR A 123 -7.16 2.18 -11.89
C THR A 123 -6.07 1.19 -12.30
N LEU A 124 -4.81 1.63 -12.42
CA LEU A 124 -3.79 0.78 -13.00
C LEU A 124 -2.40 1.16 -12.48
N ILE A 125 -1.54 0.16 -12.40
CA ILE A 125 -0.12 0.33 -12.08
C ILE A 125 0.68 -0.45 -13.11
N SER A 126 1.63 0.21 -13.76
CA SER A 126 2.41 -0.43 -14.80
C SER A 126 3.27 -1.55 -14.21
N SER A 127 3.64 -2.49 -15.08
CA SER A 127 4.21 -3.76 -14.61
C SER A 127 5.57 -3.56 -13.93
N THR A 128 6.40 -2.67 -14.46
CA THR A 128 7.74 -2.45 -13.93
C THR A 128 7.81 -1.29 -12.96
N ALA A 129 6.68 -0.67 -12.61
CA ALA A 129 6.70 0.57 -11.85
C ALA A 129 7.36 0.40 -10.48
N PHE A 130 7.19 -0.76 -9.86
CA PHE A 130 7.70 -1.02 -8.51
C PHE A 130 9.06 -1.72 -8.50
N ASP A 131 9.68 -1.89 -9.67
CA ASP A 131 10.93 -2.66 -9.73
C ASP A 131 12.05 -2.01 -8.93
N ASP A 132 12.08 -0.67 -8.85
CA ASP A 132 13.17 0.03 -8.20
C ASP A 132 12.90 0.34 -6.72
N VAL A 133 11.69 0.10 -6.23
CA VAL A 133 11.25 0.52 -4.90
C VAL A 133 11.47 -0.59 -3.89
N PHE A 134 12.21 -1.63 -4.27
CA PHE A 134 12.30 -2.88 -3.52
C PHE A 134 12.71 -2.71 -2.06
N ALA A 135 13.17 -1.53 -1.68
CA ALA A 135 13.52 -1.25 -0.29
C ALA A 135 12.34 -0.77 0.54
N LEU A 136 11.15 -0.70 -0.03
CA LEU A 136 9.99 -0.14 0.67
C LEU A 136 9.66 -0.92 1.93
N GLU A 137 9.59 -0.22 3.07
CA GLU A 137 9.05 -0.80 4.30
C GLU A 137 7.56 -0.56 4.46
N GLU A 138 6.97 0.38 3.72
CA GLU A 138 5.55 0.67 3.82
C GLU A 138 4.99 1.05 2.46
N LEU A 139 3.88 0.43 2.07
CA LEU A 139 3.19 0.74 0.82
C LEU A 139 1.70 0.83 1.09
N ASP A 140 1.12 2.01 0.89
CA ASP A 140 -0.30 2.26 1.17
C ASP A 140 -1.01 2.57 -0.14
N LEU A 141 -1.79 1.60 -0.63
CA LEU A 141 -2.62 1.75 -1.82
C LEU A 141 -4.09 2.00 -1.51
N SER A 142 -4.44 2.18 -0.23
CA SER A 142 -5.83 2.16 0.22
C SER A 142 -6.70 3.16 -0.55
N TYR A 143 -7.97 2.81 -0.70
CA TYR A 143 -8.98 3.68 -1.30
C TYR A 143 -8.59 4.09 -2.72
N ASN A 144 -8.63 3.09 -3.61
CA ASN A 144 -8.32 3.28 -5.02
C ASN A 144 -9.20 2.37 -5.85
N ASN A 145 -9.00 2.41 -7.17
CA ASN A 145 -9.74 1.61 -8.13
C ASN A 145 -8.99 0.35 -8.57
N LEU A 146 -7.85 0.05 -7.97
CA LEU A 146 -6.97 -1.02 -8.45
C LEU A 146 -7.65 -2.38 -8.42
N GLU A 147 -7.59 -3.10 -9.54
CA GLU A 147 -7.94 -4.52 -9.55
C GLU A 147 -6.74 -5.44 -9.43
N THR A 148 -5.52 -4.93 -9.61
CA THR A 148 -4.32 -5.74 -9.44
C THR A 148 -3.12 -4.82 -9.24
N ILE A 149 -2.04 -5.39 -8.71
CA ILE A 149 -0.80 -4.65 -8.50
C ILE A 149 0.37 -5.51 -8.99
N PRO A 150 1.54 -4.90 -9.18
CA PRO A 150 2.71 -5.69 -9.60
C PRO A 150 3.18 -6.65 -8.53
N TRP A 151 2.46 -7.78 -8.38
CA TRP A 151 2.77 -8.75 -7.33
C TRP A 151 4.21 -9.24 -7.44
N ASP A 152 4.71 -9.45 -8.65
CA ASP A 152 6.07 -9.94 -8.83
C ASP A 152 7.08 -8.95 -8.24
N ALA A 153 6.80 -7.66 -8.35
CA ALA A 153 7.68 -6.66 -7.73
C ALA A 153 7.49 -6.61 -6.23
N VAL A 154 6.29 -6.90 -5.74
CA VAL A 154 6.03 -6.80 -4.30
C VAL A 154 6.70 -7.94 -3.56
N GLU A 155 6.66 -9.16 -4.12
CA GLU A 155 7.31 -10.29 -3.46
C GLU A 155 8.82 -10.14 -3.41
N LYS A 156 9.38 -9.14 -4.08
CA LYS A 156 10.81 -8.85 -4.03
C LYS A 156 11.16 -7.79 -2.99
N MET A 157 10.18 -7.28 -2.25
CA MET A 157 10.45 -6.29 -1.20
C MET A 157 10.63 -7.06 0.10
N VAL A 158 11.88 -7.13 0.58
CA VAL A 158 12.20 -8.03 1.69
C VAL A 158 11.85 -7.39 3.03
N SER A 159 12.07 -6.09 3.17
CA SER A 159 11.93 -5.41 4.45
C SER A 159 10.54 -4.83 4.66
N LEU A 160 9.59 -5.08 3.76
CA LEU A 160 8.28 -4.47 3.88
C LEU A 160 7.53 -5.05 5.06
N HIS A 161 7.18 -4.22 6.03
CA HIS A 161 6.39 -4.66 7.17
C HIS A 161 4.92 -4.25 7.10
N THR A 162 4.51 -3.45 6.12
CA THR A 162 3.12 -3.01 6.04
C THR A 162 2.67 -2.90 4.59
N LEU A 163 1.53 -3.51 4.27
CA LEU A 163 0.91 -3.40 2.95
C LEU A 163 -0.58 -3.16 3.15
N SER A 164 -1.07 -2.00 2.70
CA SER A 164 -2.47 -1.65 2.86
C SER A 164 -3.11 -1.60 1.48
N LEU A 165 -3.90 -2.62 1.16
CA LEU A 165 -4.65 -2.71 -0.09
C LEU A 165 -6.13 -2.37 0.04
N ASP A 166 -6.58 -1.98 1.23
CA ASP A 166 -8.00 -1.97 1.53
C ASP A 166 -8.76 -0.96 0.67
N HIS A 167 -10.05 -1.24 0.49
CA HIS A 167 -10.96 -0.40 -0.31
C HIS A 167 -10.48 -0.26 -1.74
N ASN A 168 -10.24 -1.41 -2.38
CA ASN A 168 -9.92 -1.46 -3.81
C ASN A 168 -10.83 -2.46 -4.52
N MET A 169 -10.57 -2.70 -5.80
CA MET A 169 -11.29 -3.67 -6.60
C MET A 169 -10.59 -5.02 -6.69
N ILE A 170 -9.49 -5.21 -5.95
CA ILE A 170 -8.61 -6.37 -6.17
C ILE A 170 -9.41 -7.66 -6.03
N ASP A 171 -9.42 -8.46 -7.11
CA ASP A 171 -10.16 -9.72 -7.12
C ASP A 171 -9.31 -10.96 -6.80
N ASN A 172 -7.98 -10.85 -6.78
CA ASN A 172 -7.17 -12.03 -6.56
C ASN A 172 -5.82 -11.65 -5.98
N ILE A 173 -5.30 -12.51 -5.10
CA ILE A 173 -3.96 -12.41 -4.57
C ILE A 173 -3.20 -13.68 -4.98
N PRO A 174 -2.11 -13.57 -5.73
CA PRO A 174 -1.32 -14.77 -6.06
C PRO A 174 -0.84 -15.50 -4.81
N LYS A 175 -0.56 -16.80 -4.99
CA LYS A 175 -0.49 -17.72 -3.87
C LYS A 175 0.85 -17.67 -3.12
N GLY A 176 1.93 -17.27 -3.78
CA GLY A 176 3.25 -17.34 -3.17
C GLY A 176 3.92 -16.03 -2.81
N THR A 177 3.16 -14.93 -2.78
CA THR A 177 3.76 -13.61 -2.72
C THR A 177 4.50 -13.35 -1.41
N PHE A 178 3.90 -13.73 -0.28
CA PHE A 178 4.44 -13.38 1.03
C PHE A 178 5.44 -14.39 1.56
N SER A 179 5.81 -15.40 0.77
CA SER A 179 6.70 -16.45 1.24
C SER A 179 8.03 -15.89 1.70
N HIS A 180 8.64 -15.01 0.90
CA HIS A 180 9.96 -14.47 1.19
C HIS A 180 9.94 -13.25 2.10
N LEU A 181 8.76 -12.75 2.47
CA LEU A 181 8.65 -11.53 3.25
C LEU A 181 8.37 -11.94 4.70
N HIS A 182 9.40 -11.85 5.54
CA HIS A 182 9.28 -12.22 6.95
C HIS A 182 9.11 -11.02 7.87
N LYS A 183 9.17 -9.81 7.34
CA LYS A 183 9.03 -8.61 8.16
C LYS A 183 7.59 -8.12 8.23
N MET A 184 6.68 -8.68 7.44
CA MET A 184 5.34 -8.14 7.33
C MET A 184 4.58 -8.34 8.63
N THR A 185 4.17 -7.23 9.26
CA THR A 185 3.28 -7.28 10.41
C THR A 185 1.83 -6.92 10.11
N ARG A 186 1.53 -6.40 8.92
CA ARG A 186 0.18 -5.89 8.66
C ARG A 186 -0.20 -6.08 7.20
N LEU A 187 -1.42 -6.59 6.99
CA LEU A 187 -2.03 -6.65 5.67
C LEU A 187 -3.50 -6.31 5.81
N ASP A 188 -3.98 -5.32 5.07
CA ASP A 188 -5.39 -4.94 5.08
C ASP A 188 -5.95 -5.09 3.67
N VAL A 189 -6.77 -6.12 3.46
CA VAL A 189 -7.46 -6.36 2.20
C VAL A 189 -8.93 -5.94 2.26
N THR A 190 -9.36 -5.30 3.35
CA THR A 190 -10.77 -4.99 3.57
C THR A 190 -11.39 -4.27 2.37
N SER A 191 -12.65 -4.59 2.09
CA SER A 191 -13.44 -3.94 1.02
C SER A 191 -12.79 -4.12 -0.35
N ASN A 192 -12.55 -5.38 -0.70
CA ASN A 192 -12.03 -5.74 -2.03
C ASN A 192 -12.92 -6.77 -2.70
N LYS A 193 -12.50 -7.26 -3.86
CA LYS A 193 -13.23 -8.27 -4.63
C LYS A 193 -12.74 -9.69 -4.39
N LEU A 194 -11.85 -9.89 -3.41
CA LEU A 194 -11.29 -11.21 -3.16
C LEU A 194 -12.37 -12.24 -2.85
N GLN A 195 -12.36 -13.34 -3.60
CA GLN A 195 -13.15 -14.52 -3.25
C GLN A 195 -12.34 -15.54 -2.45
N LYS A 196 -11.03 -15.35 -2.35
CA LYS A 196 -10.15 -16.36 -1.77
C LYS A 196 -8.91 -15.66 -1.23
N LEU A 197 -8.28 -16.29 -0.24
CA LEU A 197 -7.02 -15.78 0.27
C LEU A 197 -6.00 -16.91 0.31
N PRO A 198 -4.76 -16.65 -0.09
CA PRO A 198 -3.72 -17.68 -0.03
C PRO A 198 -3.27 -17.93 1.39
N PRO A 199 -3.03 -19.19 1.76
CA PRO A 199 -2.49 -19.47 3.09
C PRO A 199 -1.02 -19.10 3.17
N ASP A 200 -0.62 -18.54 4.32
CA ASP A 200 0.76 -18.20 4.57
C ASP A 200 1.06 -18.47 6.04
N PRO A 201 2.27 -18.93 6.36
CA PRO A 201 2.64 -19.10 7.78
C PRO A 201 2.51 -17.84 8.60
N LEU A 202 2.72 -16.67 7.97
CA LEU A 202 2.53 -15.40 8.67
C LEU A 202 1.14 -15.31 9.28
N PHE A 203 0.11 -15.72 8.52
CA PHE A 203 -1.26 -15.65 9.00
C PHE A 203 -1.51 -16.56 10.19
N GLN A 204 -0.61 -17.49 10.50
CA GLN A 204 -0.77 -18.28 11.72
C GLN A 204 -0.63 -17.41 12.96
N ARG A 205 -0.06 -16.21 12.83
CA ARG A 205 0.09 -15.25 13.92
C ARG A 205 -1.07 -14.27 14.00
N ALA A 206 -2.11 -14.45 13.18
CA ALA A 206 -3.26 -13.55 13.13
C ALA A 206 -4.33 -13.93 14.15
N GLN A 207 -4.05 -14.90 15.01
CA GLN A 207 -4.97 -15.37 16.03
C GLN A 207 -4.37 -15.16 17.41
N VAL A 208 -5.24 -15.17 18.42
CA VAL A 208 -4.82 -15.04 19.81
C VAL A 208 -4.90 -16.40 20.47
N LEU A 209 -3.80 -16.79 21.15
CA LEU A 209 -3.72 -18.07 21.83
C LEU A 209 -3.31 -17.82 23.28
N ALA A 210 -3.69 -18.75 24.17
CA ALA A 210 -3.45 -18.57 25.59
C ALA A 210 -3.55 -19.93 26.29
N THR A 211 -3.47 -19.89 27.62
CA THR A 211 -3.59 -21.05 28.52
C THR A 211 -2.54 -22.12 28.26
N SER A 212 -1.41 -21.74 27.66
CA SER A 212 -0.23 -22.60 27.58
C SER A 212 0.79 -22.27 28.65
N GLY A 213 0.47 -21.35 29.56
CA GLY A 213 1.43 -20.73 30.44
C GLY A 213 1.74 -19.30 30.09
N ILE A 214 1.35 -18.86 28.90
CA ILE A 214 1.46 -17.46 28.48
C ILE A 214 0.27 -17.15 27.59
N ILE A 215 -0.27 -15.94 27.73
CA ILE A 215 -1.33 -15.46 26.85
C ILE A 215 -0.64 -14.70 25.72
N SER A 216 -0.68 -15.28 24.53
CA SER A 216 0.12 -14.75 23.42
C SER A 216 -0.63 -13.60 22.75
N PRO A 217 -0.05 -12.41 22.68
CA PRO A 217 -0.69 -11.33 21.92
C PRO A 217 -0.70 -11.66 20.44
N SER A 218 -1.57 -10.95 19.71
CA SER A 218 -1.64 -11.14 18.27
C SER A 218 -0.49 -10.36 17.63
N THR A 219 0.42 -11.09 16.96
CA THR A 219 1.62 -10.51 16.38
C THR A 219 1.47 -10.21 14.90
N PHE A 220 0.31 -10.46 14.31
CA PHE A 220 0.06 -10.13 12.92
C PHE A 220 -1.36 -9.61 12.78
N ALA A 221 -1.52 -8.49 12.08
CA ALA A 221 -2.81 -7.84 11.92
C ALA A 221 -3.31 -8.06 10.50
N LEU A 222 -4.38 -8.83 10.37
CA LEU A 222 -4.97 -9.16 9.08
C LEU A 222 -6.45 -8.82 9.10
N SER A 223 -6.91 -8.08 8.11
CA SER A 223 -8.33 -7.75 7.98
C SER A 223 -8.77 -8.11 6.57
N PHE A 224 -9.57 -9.17 6.43
CA PHE A 224 -10.13 -9.57 5.15
C PHE A 224 -11.60 -9.19 4.98
N GLY A 225 -12.19 -8.47 5.94
CA GLY A 225 -13.62 -8.21 5.90
C GLY A 225 -14.04 -7.44 4.66
N GLY A 226 -15.35 -7.48 4.39
CA GLY A 226 -15.90 -6.75 3.26
C GLY A 226 -15.50 -7.30 1.91
N ASN A 227 -15.32 -8.61 1.80
CA ASN A 227 -14.99 -9.24 0.53
C ASN A 227 -16.06 -10.24 0.13
N PRO A 228 -16.30 -10.45 -1.25
CA PRO A 228 -17.27 -11.46 -1.71
C PRO A 228 -16.70 -12.86 -1.62
N LEU A 229 -16.55 -13.34 -0.40
CA LEU A 229 -15.87 -14.60 -0.15
C LEU A 229 -16.66 -15.77 -0.74
N HIS A 230 -15.97 -16.57 -1.55
CA HIS A 230 -16.48 -17.87 -1.96
C HIS A 230 -16.00 -18.90 -0.95
N CYS A 231 -16.94 -19.50 -0.21
CA CYS A 231 -16.61 -20.24 0.98
C CYS A 231 -16.59 -21.73 0.67
N ASN A 232 -15.39 -22.29 0.62
CA ASN A 232 -15.14 -23.71 0.38
C ASN A 232 -13.93 -24.11 1.20
N CYS A 233 -13.40 -25.30 0.93
CA CYS A 233 -12.29 -25.82 1.73
C CYS A 233 -11.04 -24.97 1.65
N GLU A 234 -10.85 -24.20 0.57
CA GLU A 234 -9.64 -23.40 0.40
C GLU A 234 -9.47 -22.36 1.51
N LEU A 235 -10.55 -21.94 2.14
CA LEU A 235 -10.49 -20.96 3.23
C LEU A 235 -10.47 -21.61 4.61
N LEU A 236 -10.43 -22.95 4.68
CA LEU A 236 -10.54 -23.65 5.95
C LEU A 236 -9.42 -23.23 6.91
N TRP A 237 -8.20 -23.08 6.39
CA TRP A 237 -7.08 -22.64 7.23
C TRP A 237 -7.41 -21.33 7.93
N LEU A 238 -8.12 -20.44 7.23
CA LEU A 238 -8.52 -19.17 7.84
C LEU A 238 -9.62 -19.38 8.86
N ARG A 239 -10.55 -20.30 8.57
CA ARG A 239 -11.64 -20.57 9.50
C ARG A 239 -11.12 -21.19 10.80
N ARG A 240 -9.98 -21.87 10.74
CA ARG A 240 -9.40 -22.49 11.93
C ARG A 240 -8.75 -21.49 12.87
N LEU A 241 -8.39 -20.31 12.39
CA LEU A 241 -7.81 -19.29 13.25
C LEU A 241 -8.86 -18.80 14.25
N SER A 242 -8.41 -18.55 15.47
CA SER A 242 -9.29 -18.02 16.52
C SER A 242 -9.17 -16.50 16.50
N ARG A 243 -10.23 -15.83 16.05
CA ARG A 243 -10.16 -14.41 15.76
C ARG A 243 -11.46 -13.73 16.17
N GLU A 244 -11.41 -12.41 16.26
CA GLU A 244 -12.61 -11.62 16.45
C GLU A 244 -13.51 -11.76 15.23
N ASP A 245 -14.80 -11.54 15.44
CA ASP A 245 -15.76 -11.58 14.35
C ASP A 245 -15.93 -10.16 13.82
N ASP A 246 -15.42 -9.92 12.62
CA ASP A 246 -15.47 -8.63 11.94
C ASP A 246 -16.67 -8.52 11.00
N LEU A 247 -17.59 -9.48 11.07
CA LEU A 247 -18.77 -9.54 10.19
C LEU A 247 -18.40 -9.86 8.76
N GLU A 248 -17.34 -10.64 8.56
CA GLU A 248 -17.04 -11.18 7.25
C GLU A 248 -18.19 -12.05 6.77
N THR A 249 -18.44 -12.03 5.46
CA THR A 249 -19.64 -12.64 4.90
C THR A 249 -19.29 -13.40 3.62
N CYS A 250 -19.85 -14.60 3.47
CA CYS A 250 -19.67 -15.40 2.26
C CYS A 250 -20.60 -14.89 1.15
N ALA A 251 -20.03 -14.68 -0.04
CA ALA A 251 -20.87 -14.41 -1.20
C ALA A 251 -21.42 -15.70 -1.81
N SER A 252 -20.60 -16.73 -1.87
CA SER A 252 -20.97 -18.02 -2.46
C SER A 252 -20.35 -19.14 -1.61
N PRO A 253 -20.84 -20.39 -1.74
CA PRO A 253 -21.90 -20.96 -2.58
C PRO A 253 -23.30 -20.55 -2.13
N PRO A 254 -24.30 -20.72 -2.99
CA PRO A 254 -25.66 -20.21 -2.69
C PRO A 254 -26.19 -20.58 -1.32
N LEU A 255 -25.84 -21.75 -0.79
CA LEU A 255 -26.32 -22.13 0.53
C LEU A 255 -25.60 -21.42 1.66
N LEU A 256 -24.39 -20.93 1.41
CA LEU A 256 -23.67 -20.11 2.38
C LEU A 256 -23.78 -18.62 2.10
N THR A 257 -24.55 -18.22 1.08
CA THR A 257 -24.64 -16.82 0.72
C THR A 257 -25.42 -16.03 1.77
N GLY A 258 -24.80 -14.96 2.28
CA GLY A 258 -25.42 -14.10 3.27
C GLY A 258 -25.09 -14.42 4.71
N ARG A 259 -24.46 -15.57 4.97
CA ARG A 259 -24.18 -16.01 6.32
C ARG A 259 -22.79 -15.57 6.77
N TYR A 260 -22.67 -15.26 8.05
CA TYR A 260 -21.40 -14.78 8.58
C TYR A 260 -20.34 -15.86 8.53
N PHE A 261 -19.14 -15.47 8.10
CA PHE A 261 -18.03 -16.40 7.92
C PHE A 261 -17.76 -17.22 9.18
N TRP A 262 -17.73 -16.56 10.34
CA TRP A 262 -17.43 -17.26 11.57
C TRP A 262 -18.64 -17.98 12.17
N SER A 263 -19.85 -17.68 11.70
CA SER A 263 -21.03 -18.39 12.15
C SER A 263 -21.21 -19.72 11.44
N ILE A 264 -20.40 -20.00 10.44
CA ILE A 264 -20.47 -21.26 9.69
C ILE A 264 -19.51 -22.26 10.31
N PRO A 265 -19.97 -23.46 10.65
CA PRO A 265 -19.06 -24.47 11.20
C PRO A 265 -18.04 -24.93 10.18
N GLU A 266 -16.92 -25.45 10.68
CA GLU A 266 -15.82 -25.84 9.81
C GLU A 266 -16.21 -26.98 8.86
N GLU A 267 -17.15 -27.82 9.28
CA GLU A 267 -17.53 -28.97 8.46
C GLU A 267 -18.32 -28.58 7.23
N GLU A 268 -18.86 -27.36 7.19
CA GLU A 268 -19.69 -26.91 6.08
C GLU A 268 -18.90 -26.15 5.01
N PHE A 269 -17.58 -26.05 5.14
CA PHE A 269 -16.75 -25.51 4.07
C PHE A 269 -16.26 -26.69 3.23
N LEU A 270 -16.78 -26.80 2.01
CA LEU A 270 -16.62 -28.00 1.20
C LEU A 270 -16.15 -27.64 -0.19
N CYS A 271 -15.16 -28.39 -0.68
CA CYS A 271 -14.78 -28.35 -2.08
C CYS A 271 -15.33 -29.58 -2.78
N GLU A 272 -15.74 -29.42 -4.03
CA GLU A 272 -16.40 -30.48 -4.78
C GLU A 272 -15.41 -31.15 -5.71
N PRO A 273 -15.28 -32.48 -5.65
CA PRO A 273 -14.35 -33.15 -6.56
C PRO A 273 -14.78 -32.97 -8.00
N PRO A 274 -13.85 -33.07 -8.96
CA PRO A 274 -14.13 -32.87 -10.38
C PRO A 274 -15.21 -33.81 -10.90
N GLY A 299 -17.35 -28.70 -10.06
CA GLY A 299 -16.56 -27.59 -10.56
C GLY A 299 -16.13 -26.60 -9.49
N ASP A 300 -16.17 -27.06 -8.23
CA ASP A 300 -15.71 -26.23 -7.12
C ASP A 300 -14.52 -26.86 -6.41
N PRO A 301 -13.30 -26.33 -6.64
CA PRO A 301 -12.89 -25.38 -7.69
C PRO A 301 -12.82 -26.04 -9.07
N GLU A 302 -12.70 -25.22 -10.12
CA GLU A 302 -12.68 -25.59 -11.55
C GLU A 302 -14.08 -25.56 -12.15
N SER A 347 -7.48 -31.41 -10.54
CA SER A 347 -6.95 -32.38 -9.60
C SER A 347 -6.91 -31.81 -8.18
N ASN A 348 -7.97 -31.13 -7.78
CA ASN A 348 -8.02 -30.47 -6.48
C ASN A 348 -8.02 -31.52 -5.36
N PRO A 349 -7.95 -31.09 -4.06
CA PRO A 349 -7.59 -32.02 -2.97
C PRO A 349 -8.25 -33.41 -2.96
N ALA A 350 -9.49 -33.55 -3.46
CA ALA A 350 -10.09 -34.88 -3.53
C ALA A 350 -9.29 -35.80 -4.45
N GLY A 351 -8.72 -35.25 -5.52
CA GLY A 351 -7.91 -36.03 -6.44
C GLY A 351 -8.67 -36.46 -7.68
N GLU A 352 -7.97 -36.52 -8.81
CA GLU A 352 -8.62 -36.85 -10.09
C GLU A 352 -7.62 -37.39 -11.12
#